data_7EP7
#
_entry.id   7EP7
#
_cell.length_a   91.885
_cell.length_b   91.885
_cell.length_c   177.202
_cell.angle_alpha   90.000
_cell.angle_beta   90.000
_cell.angle_gamma   120.000
#
_symmetry.space_group_name_H-M   'P 61 2 2'
#
loop_
_entity.id
_entity.type
_entity.pdbx_description
1 polymer 'G-protein-signaling modulator 2'
2 polymer Whirlin
3 water water
#
loop_
_entity_poly.entity_id
_entity_poly.type
_entity_poly.pdbx_seq_one_letter_code
_entity_poly.pdbx_strand_id
1 'polypeptide(L)'
;GPGSASCLELALEGERLCKSGDCRAGVSFFEAAVQVGTEDLKTLSAIYSQLGNAYFYLHDYAKALEYHHHDLTLARTIGD
QLGEAKASGNLGNTLKVLGNFDEAIVCCQRHLDISRELNDKVGEARALYNLGNVYHAKGKSFGCPGPQDTGEFPEDVRNA
LQAAVDLYEENLSLVTALGDRAAQGRAFGNLGNTHYLLGNFRDAVIAHEQRLLIAKEFGDKAAERRAYSNLGNAYIFLGE
FETASEYYKKTLLLARQLKDRAVEAQSCYSLGNTYTLLQDYEKAIDYHLKHLAIAQELKDRIGEGRACWSLGNAYTALGN
HDQAMHFAEKHLEISREVGD
;
A
2 'polypeptide(L)' TNQHFVMVEVHRPDSEPDVNEVRALPQTRT B
#
# COMPACT_ATOMS: atom_id res chain seq x y z
N GLY A 1 -16.28 0.14 38.59
CA GLY A 1 -15.79 0.90 39.71
C GLY A 1 -14.31 1.25 39.61
N PRO A 2 -13.46 0.49 40.31
CA PRO A 2 -12.01 0.69 40.16
C PRO A 2 -11.52 0.18 38.81
N GLY A 3 -12.28 -0.72 38.19
CA GLY A 3 -12.03 -1.25 36.87
C GLY A 3 -12.27 -0.27 35.72
N SER A 4 -13.40 0.45 35.73
CA SER A 4 -13.64 1.48 34.71
C SER A 4 -12.52 2.53 34.70
N ALA A 5 -11.62 2.50 35.68
CA ALA A 5 -10.44 3.34 35.77
C ALA A 5 -9.17 2.65 35.29
N SER A 6 -8.91 1.42 35.75
CA SER A 6 -7.76 0.67 35.22
C SER A 6 -7.93 0.29 33.76
N CYS A 7 -9.17 0.21 33.27
CA CYS A 7 -9.39 -0.05 31.83
C CYS A 7 -8.79 1.06 30.99
N LEU A 8 -9.09 2.32 31.33
CA LEU A 8 -8.72 3.41 30.44
C LEU A 8 -7.20 3.63 30.51
N GLU A 9 -6.65 3.52 31.72
CA GLU A 9 -5.22 3.57 31.90
C GLU A 9 -4.53 2.50 31.05
N LEU A 10 -5.06 1.28 31.09
CA LEU A 10 -4.47 0.18 30.33
C LEU A 10 -4.58 0.43 28.84
N ALA A 11 -5.67 1.07 28.43
CA ALA A 11 -5.82 1.49 27.03
C ALA A 11 -4.72 2.49 26.62
N LEU A 12 -4.47 3.52 27.45
CA LEU A 12 -3.44 4.51 27.12
C LEU A 12 -2.07 3.88 26.92
N GLU A 13 -1.68 2.90 27.75
CA GLU A 13 -0.42 2.25 27.45
C GLU A 13 -0.48 1.51 26.14
N GLY A 14 -1.60 0.82 25.87
CA GLY A 14 -1.81 0.29 24.53
C GLY A 14 -1.68 1.35 23.46
N GLU A 15 -2.36 2.48 23.64
CA GLU A 15 -2.34 3.53 22.63
C GLU A 15 -0.93 4.05 22.42
N ARG A 16 -0.32 4.55 23.49
CA ARG A 16 1.03 5.07 23.42
C ARG A 16 1.95 4.10 22.70
N LEU A 17 1.87 2.81 23.06
CA LEU A 17 2.82 1.85 22.55
C LEU A 17 2.69 1.66 21.04
N CYS A 18 1.47 1.81 20.50
CA CYS A 18 1.26 1.70 19.06
C CYS A 18 1.75 2.90 18.26
N LYS A 19 1.78 4.07 18.86
CA LYS A 19 2.36 5.22 18.12
C LYS A 19 3.87 5.09 18.16
N SER A 20 4.38 4.24 19.04
CA SER A 20 5.83 4.16 19.26
C SER A 20 6.43 2.99 18.51
N GLY A 21 5.69 2.40 17.60
CA GLY A 21 6.28 1.34 16.78
C GLY A 21 6.19 0.00 17.43
N ASP A 22 5.53 -0.09 18.57
CA ASP A 22 5.31 -1.40 19.16
C ASP A 22 3.81 -1.57 19.35
N CYS A 23 3.09 -1.97 18.30
CA CYS A 23 1.76 -2.53 18.54
C CYS A 23 1.78 -3.94 19.04
N ARG A 24 2.91 -4.64 18.99
CA ARG A 24 2.76 -6.02 19.39
C ARG A 24 2.54 -6.10 20.90
N ALA A 25 3.08 -5.11 21.63
CA ALA A 25 2.85 -4.99 23.07
C ALA A 25 1.56 -4.22 23.34
N GLY A 26 1.29 -3.19 22.56
CA GLY A 26 0.08 -2.40 22.79
C GLY A 26 -1.19 -3.22 22.68
N VAL A 27 -1.20 -4.20 21.77
CA VAL A 27 -2.35 -5.10 21.66
C VAL A 27 -2.60 -5.80 23.00
N SER A 28 -1.55 -6.43 23.54
CA SER A 28 -1.63 -7.03 24.86
C SER A 28 -2.21 -6.08 25.89
N PHE A 29 -1.86 -4.79 25.80
CA PHE A 29 -2.44 -3.87 26.75
C PHE A 29 -3.89 -3.57 26.38
N PHE A 30 -4.20 -3.53 25.10
CA PHE A 30 -5.61 -3.38 24.71
C PHE A 30 -6.40 -4.59 25.18
N GLU A 31 -5.86 -5.79 24.91
CA GLU A 31 -6.50 -7.02 25.37
C GLU A 31 -6.62 -7.05 26.88
N ALA A 32 -5.57 -6.61 27.59
CA ALA A 32 -5.65 -6.51 29.04
C ALA A 32 -6.80 -5.60 29.44
N ALA A 33 -6.84 -4.41 28.85
CA ALA A 33 -7.90 -3.46 29.16
C ALA A 33 -9.28 -4.08 28.99
N VAL A 34 -9.44 -4.95 27.98
CA VAL A 34 -10.76 -5.54 27.74
C VAL A 34 -11.10 -6.57 28.81
N GLN A 35 -10.13 -7.42 29.19
CA GLN A 35 -10.26 -8.30 30.35
C GLN A 35 -10.84 -7.57 31.57
N VAL A 36 -10.18 -6.47 31.94
CA VAL A 36 -10.62 -5.70 33.10
C VAL A 36 -12.03 -5.18 32.88
N GLY A 37 -12.27 -4.53 31.75
CA GLY A 37 -13.59 -4.07 31.44
C GLY A 37 -13.96 -2.79 32.14
N THR A 38 -14.55 -1.89 31.38
CA THR A 38 -15.18 -0.65 31.82
C THR A 38 -16.69 -0.83 31.72
N GLU A 39 -17.42 0.24 32.04
CA GLU A 39 -18.84 0.30 31.71
C GLU A 39 -19.22 1.53 30.90
N ASP A 40 -18.26 2.32 30.46
CA ASP A 40 -18.56 3.36 29.47
C ASP A 40 -18.43 2.72 28.09
N LEU A 41 -19.56 2.62 27.39
CA LEU A 41 -19.57 1.85 26.16
C LEU A 41 -18.83 2.56 25.03
N LYS A 42 -18.87 3.90 24.98
CA LYS A 42 -18.00 4.57 24.01
C LYS A 42 -16.53 4.33 24.30
N THR A 43 -16.17 4.04 25.55
CA THR A 43 -14.75 3.84 25.81
C THR A 43 -14.32 2.44 25.35
N LEU A 44 -15.12 1.42 25.71
CA LEU A 44 -14.89 0.05 25.26
C LEU A 44 -14.91 -0.04 23.74
N SER A 45 -15.87 0.62 23.11
CA SER A 45 -15.95 0.60 21.66
C SER A 45 -14.67 1.20 21.05
N ALA A 46 -14.19 2.32 21.61
CA ALA A 46 -12.95 2.92 21.15
C ALA A 46 -11.76 1.99 21.30
N ILE A 47 -11.78 1.14 22.34
CA ILE A 47 -10.73 0.14 22.51
C ILE A 47 -10.83 -0.94 21.43
N TYR A 48 -12.05 -1.42 21.17
CA TYR A 48 -12.28 -2.33 20.07
C TYR A 48 -11.74 -1.74 18.76
N SER A 49 -12.07 -0.47 18.48
CA SER A 49 -11.54 0.16 17.27
C SER A 49 -10.01 0.15 17.22
N GLN A 50 -9.36 0.49 18.34
CA GLN A 50 -7.90 0.38 18.35
C GLN A 50 -7.38 -1.06 18.35
N LEU A 51 -8.05 -1.99 19.03
CA LEU A 51 -7.62 -3.38 18.80
C LEU A 51 -7.69 -3.70 17.30
N GLY A 52 -8.79 -3.34 16.66
CA GLY A 52 -8.93 -3.57 15.23
C GLY A 52 -7.79 -2.96 14.43
N ASN A 53 -7.47 -1.69 14.70
CA ASN A 53 -6.42 -1.02 13.92
C ASN A 53 -5.07 -1.65 14.19
N ALA A 54 -4.79 -1.99 15.46
CA ALA A 54 -3.52 -2.62 15.77
C ALA A 54 -3.37 -3.97 15.07
N TYR A 55 -4.44 -4.78 15.04
CA TYR A 55 -4.39 -6.05 14.29
C TYR A 55 -4.30 -5.85 12.78
N PHE A 56 -5.03 -4.86 12.24
CA PHE A 56 -4.77 -4.44 10.86
C PHE A 56 -3.28 -4.26 10.58
N TYR A 57 -2.62 -3.37 11.34
CA TYR A 57 -1.18 -3.09 11.13
C TYR A 57 -0.31 -4.33 11.33
N LEU A 58 -0.73 -5.26 12.19
CA LEU A 58 0.01 -6.48 12.44
C LEU A 58 -0.32 -7.59 11.46
N HIS A 59 -1.25 -7.36 10.55
CA HIS A 59 -1.59 -8.31 9.49
C HIS A 59 -2.43 -9.48 9.98
N ASP A 60 -3.17 -9.28 11.08
CA ASP A 60 -4.23 -10.20 11.45
C ASP A 60 -5.53 -9.55 11.01
N TYR A 61 -5.83 -9.69 9.72
CA TYR A 61 -7.04 -9.10 9.18
C TYR A 61 -8.27 -9.78 9.76
N ALA A 62 -8.20 -11.09 9.93
CA ALA A 62 -9.29 -11.85 10.53
C ALA A 62 -9.72 -11.28 11.89
N LYS A 63 -8.80 -11.19 12.84
CA LYS A 63 -9.17 -10.61 14.13
C LYS A 63 -9.43 -9.09 14.01
N ALA A 64 -8.84 -8.43 13.01
CA ALA A 64 -9.17 -7.01 12.75
C ALA A 64 -10.64 -6.84 12.33
N LEU A 65 -11.10 -7.65 11.36
CA LEU A 65 -12.51 -7.67 10.97
C LEU A 65 -13.42 -7.88 12.18
N GLU A 66 -13.04 -8.79 13.03
CA GLU A 66 -13.89 -9.14 14.15
C GLU A 66 -14.05 -7.95 15.11
N TYR A 67 -12.97 -7.22 15.40
CA TYR A 67 -13.00 -6.08 16.32
C TYR A 67 -13.70 -4.87 15.74
N HIS A 68 -13.53 -4.59 14.44
CA HIS A 68 -14.19 -3.40 13.87
C HIS A 68 -15.69 -3.63 13.79
N HIS A 69 -16.08 -4.88 13.48
CA HIS A 69 -17.48 -5.28 13.51
C HIS A 69 -18.08 -5.11 14.90
N HIS A 70 -17.32 -5.41 15.96
CA HIS A 70 -17.83 -5.16 17.31
C HIS A 70 -18.02 -3.67 17.56
N ASP A 71 -17.02 -2.87 17.18
CA ASP A 71 -17.10 -1.43 17.42
C ASP A 71 -18.28 -0.85 16.66
N LEU A 72 -18.47 -1.31 15.41
CA LEU A 72 -19.60 -0.87 14.60
C LEU A 72 -20.92 -1.18 15.30
N THR A 73 -21.08 -2.42 15.76
CA THR A 73 -22.33 -2.80 16.42
C THR A 73 -22.60 -1.90 17.62
N LEU A 74 -21.58 -1.72 18.48
CA LEU A 74 -21.75 -0.82 19.65
C LEU A 74 -22.17 0.58 19.22
N ALA A 75 -21.53 1.13 18.19
CA ALA A 75 -21.91 2.41 17.63
C ALA A 75 -23.39 2.44 17.31
N ARG A 76 -23.89 1.40 16.64
CA ARG A 76 -25.33 1.38 16.36
C ARG A 76 -26.11 1.26 17.66
N THR A 77 -25.65 0.40 18.59
CA THR A 77 -26.29 0.34 19.91
C THR A 77 -26.42 1.73 20.50
N ILE A 78 -25.28 2.39 20.74
CA ILE A 78 -25.19 3.72 21.33
C ILE A 78 -25.83 4.81 20.48
N GLY A 79 -25.97 4.61 19.18
CA GLY A 79 -26.45 5.66 18.30
C GLY A 79 -25.44 6.75 18.00
N ASP A 80 -24.16 6.43 18.09
CA ASP A 80 -23.04 7.35 17.82
C ASP A 80 -22.84 7.37 16.31
N GLN A 81 -23.52 8.32 15.63
CA GLN A 81 -23.41 8.46 14.17
C GLN A 81 -21.96 8.42 13.71
N LEU A 82 -21.09 9.07 14.47
CA LEU A 82 -19.72 9.30 14.05
C LEU A 82 -18.88 8.06 14.29
N GLY A 83 -19.13 7.36 15.41
CA GLY A 83 -18.51 6.07 15.63
C GLY A 83 -18.86 5.09 14.51
N GLU A 84 -20.14 5.04 14.17
CA GLU A 84 -20.61 4.13 13.12
C GLU A 84 -19.95 4.41 11.80
N ALA A 85 -19.74 5.68 11.47
CA ALA A 85 -19.08 5.99 10.21
C ALA A 85 -17.61 5.55 10.24
N LYS A 86 -16.93 5.69 11.38
CA LYS A 86 -15.53 5.29 11.42
C LYS A 86 -15.42 3.78 11.42
N ALA A 87 -16.31 3.10 12.11
CA ALA A 87 -16.22 1.64 12.13
C ALA A 87 -16.53 1.06 10.74
N SER A 88 -17.52 1.64 10.05
CA SER A 88 -17.82 1.29 8.65
C SER A 88 -16.59 1.45 7.75
N GLY A 89 -15.89 2.59 7.88
CA GLY A 89 -14.66 2.74 7.11
C GLY A 89 -13.63 1.67 7.41
N ASN A 90 -13.49 1.29 8.69
CA ASN A 90 -12.45 0.37 9.06
C ASN A 90 -12.82 -1.05 8.65
N LEU A 91 -14.09 -1.39 8.82
CA LEU A 91 -14.63 -2.63 8.24
C LEU A 91 -14.35 -2.66 6.75
N GLY A 92 -14.74 -1.58 6.05
CA GLY A 92 -14.46 -1.46 4.64
C GLY A 92 -13.03 -1.77 4.28
N ASN A 93 -12.07 -1.09 4.94
CA ASN A 93 -10.67 -1.27 4.55
C ASN A 93 -10.20 -2.68 4.87
N THR A 94 -10.68 -3.24 5.98
CA THR A 94 -10.34 -4.62 6.30
C THR A 94 -10.92 -5.57 5.27
N LEU A 95 -12.22 -5.43 4.94
CA LEU A 95 -12.83 -6.30 3.93
C LEU A 95 -12.12 -6.19 2.59
N LYS A 96 -11.70 -4.98 2.23
CA LYS A 96 -10.97 -4.80 0.98
C LYS A 96 -9.75 -5.70 0.93
N VAL A 97 -9.02 -5.80 2.04
CA VAL A 97 -7.78 -6.58 2.05
C VAL A 97 -8.08 -8.07 1.95
N LEU A 98 -9.13 -8.52 2.65
CA LEU A 98 -9.68 -9.85 2.55
C LEU A 98 -10.27 -10.16 1.18
N GLY A 99 -10.41 -9.17 0.31
CA GLY A 99 -11.00 -9.45 -1.00
C GLY A 99 -12.51 -9.60 -0.96
N ASN A 100 -13.17 -9.05 0.04
CA ASN A 100 -14.63 -8.90 0.06
C ASN A 100 -15.01 -7.54 -0.53
N PHE A 101 -14.72 -7.42 -1.83
CA PHE A 101 -14.86 -6.13 -2.50
C PHE A 101 -16.29 -5.61 -2.40
N ASP A 102 -17.28 -6.45 -2.71
CA ASP A 102 -18.64 -5.95 -2.78
C ASP A 102 -19.08 -5.36 -1.43
N GLU A 103 -18.74 -6.02 -0.32
CA GLU A 103 -19.07 -5.52 1.02
C GLU A 103 -18.18 -4.35 1.44
N ALA A 104 -16.91 -4.39 1.01
CA ALA A 104 -16.03 -3.23 1.20
C ALA A 104 -16.72 -1.98 0.70
N ILE A 105 -17.32 -2.06 -0.50
CA ILE A 105 -17.97 -0.90 -1.11
C ILE A 105 -19.09 -0.37 -0.21
N VAL A 106 -19.99 -1.25 0.22
CA VAL A 106 -21.13 -0.81 1.03
C VAL A 106 -20.64 -0.15 2.33
N CYS A 107 -19.60 -0.70 2.94
CA CYS A 107 -19.12 -0.16 4.21
C CYS A 107 -18.45 1.20 4.02
N CYS A 108 -17.60 1.33 2.99
CA CYS A 108 -16.98 2.63 2.76
C CYS A 108 -18.04 3.66 2.37
N GLN A 109 -19.05 3.23 1.60
CA GLN A 109 -20.13 4.14 1.25
C GLN A 109 -20.90 4.58 2.48
N ARG A 110 -21.09 3.69 3.45
CA ARG A 110 -21.81 4.08 4.64
C ARG A 110 -21.00 5.13 5.41
N HIS A 111 -19.68 4.94 5.45
CA HIS A 111 -18.76 5.91 6.03
C HIS A 111 -18.88 7.28 5.35
N LEU A 112 -18.80 7.30 4.01
CA LEU A 112 -18.92 8.53 3.25
C LEU A 112 -20.25 9.22 3.52
N ASP A 113 -21.35 8.47 3.37
CA ASP A 113 -22.69 9.06 3.46
C ASP A 113 -22.90 9.74 4.80
N ILE A 114 -22.61 9.03 5.89
CA ILE A 114 -22.73 9.64 7.23
C ILE A 114 -21.80 10.83 7.36
N SER A 115 -20.56 10.69 6.87
CA SER A 115 -19.63 11.82 6.87
C SER A 115 -20.26 13.04 6.20
N ARG A 116 -20.87 12.84 5.04
CA ARG A 116 -21.52 13.95 4.36
C ARG A 116 -22.71 14.49 5.16
N GLU A 117 -23.62 13.61 5.59
CA GLU A 117 -24.74 14.06 6.41
C GLU A 117 -24.27 14.94 7.57
N LEU A 118 -23.17 14.56 8.23
CA LEU A 118 -22.62 15.32 9.33
C LEU A 118 -21.81 16.54 8.88
N ASN A 119 -21.69 16.76 7.58
CA ASN A 119 -20.78 17.80 7.06
C ASN A 119 -19.43 17.72 7.76
N ASP A 120 -18.86 16.52 7.70
CA ASP A 120 -17.52 16.24 8.15
C ASP A 120 -16.69 16.07 6.88
N LYS A 121 -15.94 17.10 6.52
CA LYS A 121 -15.14 17.05 5.31
C LYS A 121 -13.87 16.20 5.48
N VAL A 122 -13.35 16.08 6.70
CA VAL A 122 -12.19 15.22 6.94
C VAL A 122 -12.59 13.77 6.78
N GLY A 123 -13.73 13.38 7.39
CA GLY A 123 -14.28 12.06 7.18
C GLY A 123 -14.67 11.81 5.73
N GLU A 124 -15.20 12.83 5.06
CA GLU A 124 -15.60 12.61 3.67
C GLU A 124 -14.38 12.35 2.79
N ALA A 125 -13.28 13.08 3.01
CA ALA A 125 -12.09 12.84 2.21
C ALA A 125 -11.53 11.45 2.51
N ARG A 126 -11.48 11.07 3.78
CA ARG A 126 -10.95 9.75 4.14
C ARG A 126 -11.84 8.65 3.56
N ALA A 127 -13.16 8.79 3.74
CA ALA A 127 -14.08 7.85 3.11
C ALA A 127 -13.88 7.78 1.59
N LEU A 128 -13.55 8.91 0.94
CA LEU A 128 -13.39 8.91 -0.52
C LEU A 128 -12.15 8.14 -0.93
N TYR A 129 -11.05 8.36 -0.20
CA TYR A 129 -9.80 7.62 -0.44
C TYR A 129 -9.99 6.11 -0.21
N ASN A 130 -10.71 5.72 0.86
CA ASN A 130 -11.03 4.30 1.09
C ASN A 130 -11.83 3.70 -0.06
N LEU A 131 -12.94 4.35 -0.44
CA LEU A 131 -13.75 3.81 -1.53
C LEU A 131 -12.92 3.66 -2.80
N GLY A 132 -12.07 4.65 -3.09
CA GLY A 132 -11.18 4.53 -4.24
C GLY A 132 -10.30 3.30 -4.16
N ASN A 133 -9.71 3.07 -2.98
CA ASN A 133 -8.83 1.92 -2.81
C ASN A 133 -9.58 0.62 -3.07
N VAL A 134 -10.86 0.53 -2.66
CA VAL A 134 -11.59 -0.73 -2.90
C VAL A 134 -11.73 -0.97 -4.39
N TYR A 135 -12.29 0.01 -5.11
CA TYR A 135 -12.40 -0.14 -6.57
C TYR A 135 -11.05 -0.45 -7.20
N HIS A 136 -9.99 0.21 -6.73
CA HIS A 136 -8.63 0.00 -7.25
C HIS A 136 -8.16 -1.42 -6.99
N ALA A 137 -8.44 -1.97 -5.81
CA ALA A 137 -8.02 -3.34 -5.54
C ALA A 137 -8.88 -4.33 -6.33
N LYS A 138 -10.20 -4.08 -6.38
CA LYS A 138 -11.11 -4.87 -7.19
C LYS A 138 -10.61 -5.02 -8.63
N GLY A 139 -10.20 -3.94 -9.27
CA GLY A 139 -9.70 -4.04 -10.63
C GLY A 139 -8.31 -4.64 -10.78
N LYS A 140 -7.39 -4.22 -9.91
CA LYS A 140 -6.06 -4.83 -9.83
C LYS A 140 -6.12 -6.34 -9.61
N SER A 141 -7.16 -6.85 -8.92
CA SER A 141 -7.14 -8.26 -8.54
C SER A 141 -7.49 -9.17 -9.71
N PHE A 142 -8.38 -8.69 -10.57
CA PHE A 142 -8.76 -9.47 -11.73
C PHE A 142 -7.54 -9.83 -12.56
N GLY A 143 -7.48 -11.09 -13.01
CA GLY A 143 -6.45 -11.58 -13.91
C GLY A 143 -4.99 -11.36 -13.55
N CYS A 144 -4.11 -11.49 -14.56
CA CYS A 144 -2.67 -11.31 -14.43
C CYS A 144 -2.32 -9.82 -14.43
N PRO A 145 -1.42 -9.37 -13.53
CA PRO A 145 -1.07 -7.95 -13.41
C PRO A 145 -0.23 -7.42 -14.57
N PHE A 153 -9.08 -8.02 -20.25
CA PHE A 153 -10.34 -8.30 -20.94
C PHE A 153 -11.59 -7.74 -20.21
N PRO A 154 -11.94 -8.26 -19.01
CA PRO A 154 -13.27 -8.00 -18.47
C PRO A 154 -13.60 -6.52 -18.33
N GLU A 155 -14.80 -6.15 -18.78
CA GLU A 155 -15.24 -4.77 -18.65
C GLU A 155 -15.51 -4.34 -17.21
N ASP A 156 -15.64 -5.28 -16.26
CA ASP A 156 -15.75 -4.89 -14.86
C ASP A 156 -14.44 -4.36 -14.30
N VAL A 157 -13.31 -4.77 -14.90
CA VAL A 157 -12.00 -4.24 -14.48
C VAL A 157 -11.91 -2.77 -14.83
N ARG A 158 -12.07 -2.47 -16.13
CA ARG A 158 -12.01 -1.07 -16.57
C ARG A 158 -12.95 -0.23 -15.75
N ASN A 159 -14.18 -0.71 -15.57
CA ASN A 159 -15.18 0.05 -14.83
C ASN A 159 -14.82 0.24 -13.37
N ALA A 160 -14.18 -0.74 -12.74
CA ALA A 160 -13.77 -0.55 -11.35
C ALA A 160 -12.63 0.46 -11.27
N LEU A 161 -11.67 0.36 -12.18
CA LEU A 161 -10.51 1.26 -12.20
C LEU A 161 -10.93 2.69 -12.53
N GLN A 162 -11.76 2.87 -13.54
CA GLN A 162 -12.30 4.20 -13.83
C GLN A 162 -12.98 4.78 -12.60
N ALA A 163 -13.77 3.97 -11.90
CA ALA A 163 -14.43 4.45 -10.69
C ALA A 163 -13.44 4.88 -9.62
N ALA A 164 -12.26 4.22 -9.55
CA ALA A 164 -11.22 4.67 -8.62
C ALA A 164 -10.63 6.01 -9.04
N VAL A 165 -10.50 6.26 -10.36
CA VAL A 165 -9.93 7.52 -10.82
C VAL A 165 -10.79 8.68 -10.34
N ASP A 166 -12.11 8.58 -10.58
CA ASP A 166 -13.04 9.63 -10.13
C ASP A 166 -12.98 9.82 -8.62
N LEU A 167 -12.89 8.72 -7.85
CA LEU A 167 -12.85 8.84 -6.39
C LEU A 167 -11.56 9.48 -5.91
N TYR A 168 -10.42 9.11 -6.49
CA TYR A 168 -9.20 9.75 -6.04
C TYR A 168 -9.20 11.22 -6.42
N GLU A 169 -9.70 11.55 -7.63
CA GLU A 169 -9.74 12.96 -8.01
C GLU A 169 -10.67 13.76 -7.10
N GLU A 170 -11.83 13.20 -6.77
CA GLU A 170 -12.66 13.83 -5.76
C GLU A 170 -11.91 14.02 -4.43
N ASN A 171 -11.15 13.01 -4.00
CA ASN A 171 -10.42 13.12 -2.74
C ASN A 171 -9.33 14.18 -2.81
N LEU A 172 -8.54 14.19 -3.89
CA LEU A 172 -7.49 15.21 -4.02
C LEU A 172 -8.07 16.60 -3.90
N SER A 173 -9.22 16.81 -4.54
CA SER A 173 -9.88 18.12 -4.52
C SER A 173 -10.22 18.53 -3.10
N LEU A 174 -10.70 17.59 -2.25
CA LEU A 174 -11.00 17.90 -0.84
C LEU A 174 -9.76 18.09 0.01
N VAL A 175 -8.71 17.28 -0.18
CA VAL A 175 -7.57 17.43 0.74
C VAL A 175 -6.67 18.61 0.34
N THR A 176 -6.69 19.02 -0.93
CA THR A 176 -6.14 20.31 -1.30
C THR A 176 -6.77 21.42 -0.46
N ALA A 177 -8.10 21.53 -0.54
CA ALA A 177 -8.84 22.53 0.22
C ALA A 177 -8.54 22.48 1.72
N LEU A 178 -8.19 21.30 2.25
CA LEU A 178 -7.88 21.15 3.66
C LEU A 178 -6.38 21.26 3.96
N GLY A 179 -5.52 21.36 2.95
CA GLY A 179 -4.09 21.48 3.18
C GLY A 179 -3.39 20.21 3.57
N ASP A 180 -3.90 19.05 3.17
CA ASP A 180 -3.41 17.79 3.68
C ASP A 180 -2.42 17.30 2.65
N ARG A 181 -1.17 17.77 2.80
CA ARG A 181 -0.11 17.39 1.87
C ARG A 181 0.12 15.89 1.86
N ALA A 182 0.10 15.25 3.03
CA ALA A 182 0.33 13.81 3.04
C ALA A 182 -0.82 13.07 2.38
N ALA A 183 -2.07 13.51 2.65
CA ALA A 183 -3.18 12.85 1.96
C ALA A 183 -3.04 13.03 0.46
N GLN A 184 -2.57 14.20 0.02
CA GLN A 184 -2.41 14.44 -1.42
C GLN A 184 -1.46 13.43 -2.00
N GLY A 185 -0.33 13.21 -1.34
CA GLY A 185 0.67 12.31 -1.90
C GLY A 185 0.12 10.91 -2.08
N ARG A 186 -0.59 10.42 -1.08
CA ARG A 186 -1.23 9.12 -1.16
C ARG A 186 -2.24 9.06 -2.29
N ALA A 187 -3.04 10.11 -2.46
CA ALA A 187 -3.98 10.06 -3.57
C ALA A 187 -3.26 10.19 -4.90
N PHE A 188 -2.12 10.90 -4.93
CA PHE A 188 -1.41 10.99 -6.20
C PHE A 188 -0.81 9.66 -6.58
N GLY A 189 -0.37 8.88 -5.60
CA GLY A 189 0.25 7.61 -5.90
C GLY A 189 -0.77 6.58 -6.37
N ASN A 190 -1.85 6.40 -5.60
CA ASN A 190 -2.87 5.45 -6.03
C ASN A 190 -3.50 5.88 -7.36
N LEU A 191 -3.75 7.19 -7.52
CA LEU A 191 -4.27 7.68 -8.80
C LEU A 191 -3.30 7.38 -9.93
N GLY A 192 -2.01 7.70 -9.74
CA GLY A 192 -1.02 7.33 -10.74
C GLY A 192 -1.04 5.86 -11.09
N ASN A 193 -1.08 4.99 -10.08
CA ASN A 193 -1.04 3.56 -10.36
C ASN A 193 -2.33 3.09 -11.02
N THR A 194 -3.46 3.74 -10.72
CA THR A 194 -4.71 3.42 -11.41
C THR A 194 -4.65 3.83 -12.88
N HIS A 195 -4.21 5.07 -13.16
CA HIS A 195 -4.03 5.48 -14.56
C HIS A 195 -3.12 4.50 -15.30
N TYR A 196 -2.09 4.02 -14.61
CA TYR A 196 -1.16 3.07 -15.19
C TYR A 196 -1.89 1.83 -15.70
N LEU A 197 -2.64 1.18 -14.81
CA LEU A 197 -3.32 -0.05 -15.18
C LEU A 197 -4.38 0.17 -16.25
N LEU A 198 -4.82 1.41 -16.45
CA LEU A 198 -5.77 1.69 -17.51
C LEU A 198 -5.11 1.97 -18.85
N GLY A 199 -3.78 2.04 -18.89
CA GLY A 199 -3.05 2.46 -20.07
C GLY A 199 -3.04 3.95 -20.31
N ASN A 200 -3.37 4.76 -19.32
CA ASN A 200 -3.17 6.22 -19.42
C ASN A 200 -1.79 6.54 -18.84
N PHE A 201 -0.75 6.23 -19.61
CA PHE A 201 0.59 6.37 -19.07
C PHE A 201 0.98 7.85 -18.94
N ARG A 202 0.62 8.67 -19.93
CA ARG A 202 0.86 10.11 -19.80
C ARG A 202 0.22 10.67 -18.53
N ASP A 203 -0.97 10.19 -18.19
CA ASP A 203 -1.56 10.65 -16.93
C ASP A 203 -0.89 10.01 -15.71
N ALA A 204 -0.43 8.77 -15.83
CA ALA A 204 0.33 8.17 -14.74
C ALA A 204 1.55 9.02 -14.37
N VAL A 205 2.37 9.40 -15.36
CA VAL A 205 3.53 10.26 -15.08
C VAL A 205 3.12 11.51 -14.31
N ILE A 206 2.08 12.20 -14.80
CA ILE A 206 1.69 13.44 -14.14
C ILE A 206 1.40 13.19 -12.67
N ALA A 207 0.63 12.16 -12.35
CA ALA A 207 0.31 11.94 -10.95
C ALA A 207 1.55 11.53 -10.16
N HIS A 208 2.37 10.62 -10.70
CA HIS A 208 3.53 10.16 -9.95
C HIS A 208 4.54 11.28 -9.72
N GLU A 209 4.62 12.26 -10.63
CA GLU A 209 5.48 13.42 -10.38
C GLU A 209 4.95 14.23 -9.21
N GLN A 210 3.63 14.29 -9.03
CA GLN A 210 3.20 14.94 -7.79
C GLN A 210 3.56 14.18 -6.56
N ARG A 211 3.49 12.84 -6.60
CA ARG A 211 3.87 12.06 -5.43
C ARG A 211 5.34 12.24 -5.11
N LEU A 212 6.19 12.24 -6.15
CA LEU A 212 7.61 12.57 -5.97
C LEU A 212 7.79 13.87 -5.19
N LEU A 213 7.34 14.99 -5.76
CA LEU A 213 7.45 16.28 -5.10
C LEU A 213 7.00 16.22 -3.63
N ILE A 214 5.86 15.59 -3.36
CA ILE A 214 5.38 15.64 -2.00
C ILE A 214 6.23 14.73 -1.10
N ALA A 215 6.76 13.65 -1.66
CA ALA A 215 7.60 12.75 -0.87
C ALA A 215 8.93 13.39 -0.55
N LYS A 216 9.59 13.92 -1.59
CA LYS A 216 10.77 14.76 -1.38
C LYS A 216 10.51 15.85 -0.36
N GLU A 217 9.33 16.47 -0.40
CA GLU A 217 9.05 17.52 0.56
C GLU A 217 9.02 16.96 1.97
N PHE A 218 8.30 15.88 2.19
CA PHE A 218 8.23 15.35 3.55
C PHE A 218 9.53 14.67 3.98
N GLY A 219 10.47 14.47 3.06
CA GLY A 219 11.59 13.59 3.30
C GLY A 219 11.14 12.16 3.52
N ASP A 220 10.20 11.67 2.70
CA ASP A 220 9.72 10.29 2.82
C ASP A 220 10.48 9.48 1.80
N LYS A 221 11.65 9.01 2.21
CA LYS A 221 12.62 8.47 1.27
C LYS A 221 12.14 7.13 0.70
N ALA A 222 11.21 6.45 1.37
CA ALA A 222 10.60 5.24 0.83
C ALA A 222 9.63 5.55 -0.30
N ALA A 223 8.79 6.56 -0.07
CA ALA A 223 7.92 7.06 -1.12
C ALA A 223 8.71 7.60 -2.31
N GLU A 224 9.84 8.25 -2.02
CA GLU A 224 10.58 8.86 -3.10
C GLU A 224 11.02 7.82 -4.12
N ARG A 225 11.65 6.73 -3.67
CA ARG A 225 12.03 5.71 -4.64
C ARG A 225 10.79 5.04 -5.22
N ARG A 226 9.71 4.99 -4.42
CA ARG A 226 8.47 4.37 -4.87
C ARG A 226 8.00 5.03 -6.16
N ALA A 227 8.23 6.34 -6.28
CA ALA A 227 7.72 7.11 -7.40
C ALA A 227 8.63 7.03 -8.61
N TYR A 228 9.94 7.06 -8.37
CA TYR A 228 10.92 6.82 -9.44
C TYR A 228 10.66 5.47 -10.11
N SER A 229 10.48 4.43 -9.31
CA SER A 229 10.11 3.12 -9.85
C SER A 229 8.81 3.19 -10.63
N ASN A 230 7.75 3.66 -9.97
CA ASN A 230 6.47 3.79 -10.67
C ASN A 230 6.64 4.64 -11.92
N LEU A 231 7.43 5.72 -11.83
CA LEU A 231 7.74 6.49 -13.03
C LEU A 231 8.47 5.65 -14.06
N GLY A 232 9.39 4.80 -13.60
CA GLY A 232 10.08 3.92 -14.53
C GLY A 232 9.12 3.01 -15.27
N ASN A 233 8.19 2.40 -14.52
CA ASN A 233 7.18 1.55 -15.15
C ASN A 233 6.50 2.27 -16.29
N ALA A 234 6.07 3.51 -16.04
CA ALA A 234 5.22 4.20 -16.99
C ALA A 234 5.96 4.61 -18.25
N TYR A 235 7.28 4.86 -18.16
CA TYR A 235 8.03 5.27 -19.34
C TYR A 235 8.34 4.07 -20.24
N ILE A 236 8.63 2.92 -19.62
CA ILE A 236 8.74 1.68 -20.40
C ILE A 236 7.54 1.51 -21.32
N PHE A 237 6.33 1.48 -20.74
CA PHE A 237 5.13 1.32 -21.56
C PHE A 237 4.93 2.49 -22.50
N LEU A 238 5.44 3.67 -22.13
CA LEU A 238 5.45 4.76 -23.08
C LEU A 238 6.40 4.50 -24.24
N GLY A 239 7.26 3.49 -24.11
CA GLY A 239 8.28 3.19 -25.09
C GLY A 239 9.54 4.01 -24.96
N GLU A 240 9.67 4.81 -23.91
CA GLU A 240 10.82 5.69 -23.73
C GLU A 240 11.74 5.03 -22.71
N PHE A 241 12.56 4.10 -23.20
CA PHE A 241 13.25 3.15 -22.34
C PHE A 241 14.44 3.81 -21.66
N GLU A 242 14.99 4.84 -22.32
CA GLU A 242 16.12 5.59 -21.79
C GLU A 242 15.72 6.43 -20.58
N THR A 243 14.50 6.98 -20.59
CA THR A 243 14.01 7.69 -19.42
C THR A 243 13.75 6.72 -18.28
N ALA A 244 13.20 5.55 -18.60
CA ALA A 244 12.97 4.53 -17.59
C ALA A 244 14.27 4.12 -16.93
N SER A 245 15.34 3.95 -17.73
CA SER A 245 16.66 3.63 -17.19
C SER A 245 17.11 4.71 -16.23
N GLU A 246 16.98 5.98 -16.66
CA GLU A 246 17.27 7.12 -15.80
C GLU A 246 16.51 7.02 -14.48
N TYR A 247 15.20 6.75 -14.56
CA TYR A 247 14.38 6.67 -13.34
C TYR A 247 14.68 5.40 -12.53
N TYR A 248 15.07 4.32 -13.20
CA TYR A 248 15.32 3.08 -12.49
C TYR A 248 16.61 3.16 -11.66
N LYS A 249 17.67 3.73 -12.26
CA LYS A 249 18.90 3.96 -11.50
C LYS A 249 18.62 4.76 -10.24
N LYS A 250 17.92 5.91 -10.39
CA LYS A 250 17.61 6.75 -9.23
C LYS A 250 16.98 5.92 -8.12
N THR A 251 16.20 4.91 -8.48
CA THR A 251 15.56 4.08 -7.46
C THR A 251 16.58 3.18 -6.81
N LEU A 252 17.56 2.74 -7.58
CA LEU A 252 18.56 1.82 -7.08
C LEU A 252 19.43 2.52 -6.03
N LEU A 253 19.73 3.80 -6.24
CA LEU A 253 20.54 4.54 -5.26
C LEU A 253 19.83 4.64 -3.91
N LEU A 254 18.59 5.17 -3.92
CA LEU A 254 17.83 5.28 -2.66
C LEU A 254 17.69 3.94 -1.96
N ALA A 255 17.75 2.84 -2.73
CA ALA A 255 17.74 1.51 -2.14
C ALA A 255 19.02 1.25 -1.34
N ARG A 256 20.17 1.69 -1.88
CA ARG A 256 21.44 1.52 -1.18
C ARG A 256 21.42 2.21 0.18
N GLN A 257 21.16 3.52 0.19
CA GLN A 257 21.22 4.25 1.45
C GLN A 257 20.15 3.75 2.42
N LEU A 258 18.98 3.36 1.92
CA LEU A 258 17.97 2.75 2.78
C LEU A 258 18.41 1.41 3.35
N LYS A 259 19.56 0.89 2.91
CA LYS A 259 20.02 -0.44 3.29
C LYS A 259 18.92 -1.46 3.07
N ASP A 260 18.33 -1.43 1.88
CA ASP A 260 17.25 -2.34 1.50
C ASP A 260 17.75 -3.20 0.34
N ARG A 261 18.50 -4.26 0.68
CA ARG A 261 19.06 -5.16 -0.33
C ARG A 261 17.98 -5.72 -1.24
N ALA A 262 16.73 -5.71 -0.79
CA ALA A 262 15.60 -6.16 -1.60
C ALA A 262 15.38 -5.25 -2.80
N VAL A 263 14.99 -3.98 -2.54
CA VAL A 263 14.67 -3.08 -3.63
C VAL A 263 15.91 -2.71 -4.43
N GLU A 264 17.12 -2.89 -3.88
CA GLU A 264 18.32 -2.89 -4.71
C GLU A 264 18.17 -3.89 -5.84
N ALA A 265 17.75 -5.11 -5.50
CA ALA A 265 17.64 -6.19 -6.48
C ALA A 265 16.52 -5.94 -7.48
N GLN A 266 15.30 -5.72 -6.98
CA GLN A 266 14.19 -5.39 -7.88
C GLN A 266 14.58 -4.26 -8.82
N SER A 267 15.22 -3.20 -8.30
CA SER A 267 15.70 -2.17 -9.20
C SER A 267 16.83 -2.68 -10.08
N CYS A 268 17.63 -3.62 -9.58
CA CYS A 268 18.73 -4.15 -10.37
C CYS A 268 18.21 -4.97 -11.54
N TYR A 269 17.38 -5.98 -11.26
CA TYR A 269 16.82 -6.80 -12.33
C TYR A 269 16.10 -5.94 -13.36
N SER A 270 15.36 -4.93 -12.91
CA SER A 270 14.48 -4.19 -13.82
C SER A 270 15.27 -3.30 -14.78
N LEU A 271 16.25 -2.55 -14.26
CA LEU A 271 17.14 -1.87 -15.19
C LEU A 271 18.05 -2.85 -15.91
N GLY A 272 18.23 -4.06 -15.38
CA GLY A 272 18.80 -5.11 -16.19
C GLY A 272 17.92 -5.43 -17.39
N ASN A 273 16.63 -5.66 -17.13
CA ASN A 273 15.71 -5.94 -18.23
C ASN A 273 15.52 -4.73 -19.13
N THR A 274 15.69 -3.51 -18.60
CA THR A 274 15.40 -2.34 -19.42
C THR A 274 16.42 -2.17 -20.54
N TYR A 275 17.70 -2.38 -20.23
CA TYR A 275 18.71 -2.29 -21.27
C TYR A 275 18.73 -3.50 -22.19
N THR A 276 17.96 -4.56 -21.90
CA THR A 276 17.75 -5.60 -22.92
C THR A 276 17.08 -4.99 -24.14
N LEU A 277 16.15 -4.06 -23.93
CA LEU A 277 15.51 -3.33 -25.02
C LEU A 277 16.43 -2.27 -25.63
N LEU A 278 17.66 -2.16 -25.11
CA LEU A 278 18.62 -1.16 -25.56
C LEU A 278 19.97 -1.78 -25.93
N GLN A 279 20.11 -3.10 -25.85
CA GLN A 279 21.20 -3.94 -26.37
C GLN A 279 22.47 -3.97 -25.50
N ASP A 280 22.52 -3.21 -24.40
CA ASP A 280 23.64 -3.25 -23.45
C ASP A 280 23.48 -4.45 -22.51
N TYR A 281 23.70 -5.65 -23.08
CA TYR A 281 23.54 -6.89 -22.34
C TYR A 281 24.45 -6.97 -21.11
N GLU A 282 25.44 -6.07 -21.03
CA GLU A 282 26.32 -6.02 -19.87
C GLU A 282 25.60 -5.44 -18.67
N LYS A 283 24.81 -4.38 -18.87
CA LYS A 283 24.09 -3.76 -17.76
C LYS A 283 23.13 -4.74 -17.11
N ALA A 284 22.51 -5.60 -17.92
CA ALA A 284 21.68 -6.67 -17.36
C ALA A 284 22.52 -7.70 -16.65
N ILE A 285 23.64 -8.11 -17.28
CA ILE A 285 24.62 -8.99 -16.66
C ILE A 285 25.04 -8.38 -15.33
N ASP A 286 25.72 -7.23 -15.37
CA ASP A 286 26.21 -6.57 -14.16
C ASP A 286 25.11 -6.38 -13.11
N TYR A 287 23.86 -6.23 -13.55
CA TYR A 287 22.76 -6.09 -12.59
C TYR A 287 22.23 -7.45 -12.14
N HIS A 288 21.87 -8.31 -13.10
CA HIS A 288 21.29 -9.60 -12.73
C HIS A 288 22.24 -10.46 -11.90
N LEU A 289 23.56 -10.20 -11.97
CA LEU A 289 24.49 -10.87 -11.04
C LEU A 289 24.35 -10.31 -9.64
N LYS A 290 24.22 -8.99 -9.52
CA LYS A 290 23.82 -8.42 -8.23
C LYS A 290 22.45 -8.93 -7.82
N HIS A 291 21.58 -9.20 -8.80
CA HIS A 291 20.29 -9.81 -8.53
C HIS A 291 20.47 -11.21 -7.93
N LEU A 292 21.19 -12.09 -8.64
CA LEU A 292 21.42 -13.45 -8.13
C LEU A 292 22.17 -13.44 -6.80
N ALA A 293 22.98 -12.42 -6.56
CA ALA A 293 23.73 -12.33 -5.31
C ALA A 293 22.82 -11.98 -4.15
N ILE A 294 22.11 -10.85 -4.25
CA ILE A 294 21.21 -10.45 -3.17
C ILE A 294 20.07 -11.43 -3.02
N ALA A 295 19.60 -12.05 -4.12
CA ALA A 295 18.53 -13.03 -4.03
C ALA A 295 19.02 -14.32 -3.37
N GLN A 296 20.29 -14.64 -3.54
CA GLN A 296 20.90 -15.65 -2.69
C GLN A 296 20.78 -15.25 -1.22
N GLU A 297 21.02 -13.97 -0.91
CA GLU A 297 20.96 -13.51 0.48
C GLU A 297 19.57 -13.70 1.09
N LEU A 298 18.51 -13.45 0.31
CA LEU A 298 17.14 -13.50 0.77
C LEU A 298 16.38 -14.75 0.32
N LYS A 299 17.09 -15.73 -0.25
CA LYS A 299 16.50 -17.00 -0.68
C LYS A 299 15.42 -16.81 -1.76
N ASP A 300 15.43 -15.66 -2.45
CA ASP A 300 14.66 -15.49 -3.68
C ASP A 300 15.44 -15.89 -4.91
N ARG A 301 16.35 -16.87 -4.74
CA ARG A 301 17.17 -17.38 -5.86
C ARG A 301 16.27 -17.79 -7.03
N ILE A 302 14.99 -18.05 -6.78
CA ILE A 302 14.07 -18.23 -7.90
C ILE A 302 14.40 -17.24 -9.00
N GLY A 303 14.51 -15.96 -8.63
CA GLY A 303 14.86 -14.94 -9.61
C GLY A 303 16.24 -15.13 -10.22
N GLU A 304 17.14 -15.80 -9.50
CA GLU A 304 18.43 -16.15 -10.09
C GLU A 304 18.26 -16.92 -11.37
N GLY A 305 17.24 -17.80 -11.42
CA GLY A 305 16.89 -18.44 -12.67
C GLY A 305 16.26 -17.46 -13.67
N ARG A 306 15.42 -16.56 -13.17
CA ARG A 306 14.91 -15.49 -14.03
C ARG A 306 16.06 -14.62 -14.54
N ALA A 307 17.00 -14.28 -13.66
CA ALA A 307 18.22 -13.62 -14.10
C ALA A 307 19.02 -14.51 -15.05
N CYS A 308 19.12 -15.80 -14.73
CA CYS A 308 19.82 -16.73 -15.62
C CYS A 308 19.11 -16.86 -16.96
N TRP A 309 17.77 -16.84 -16.95
CA TRP A 309 17.01 -16.92 -18.20
C TRP A 309 17.15 -15.66 -19.02
N SER A 310 17.19 -14.49 -18.37
CA SER A 310 17.42 -13.25 -19.09
C SER A 310 18.90 -13.07 -19.43
N LEU A 311 19.81 -13.48 -18.54
CA LEU A 311 21.24 -13.37 -18.82
C LEU A 311 21.65 -14.29 -19.97
N GLY A 312 21.13 -15.53 -19.97
CA GLY A 312 21.42 -16.43 -21.07
C GLY A 312 20.92 -15.89 -22.40
N ASN A 313 19.77 -15.23 -22.40
CA ASN A 313 19.20 -14.70 -23.64
C ASN A 313 19.86 -13.39 -24.08
N ALA A 314 20.44 -12.64 -23.15
CA ALA A 314 21.32 -11.54 -23.54
C ALA A 314 22.64 -12.08 -24.09
N TYR A 315 23.11 -13.19 -23.50
CA TYR A 315 24.31 -13.87 -23.99
C TYR A 315 24.08 -14.47 -25.37
N THR A 316 22.94 -15.13 -25.60
CA THR A 316 22.71 -15.73 -26.91
C THR A 316 22.66 -14.69 -28.01
N ALA A 317 22.22 -13.47 -27.69
CA ALA A 317 22.39 -12.37 -28.63
C ALA A 317 23.82 -11.84 -28.65
N LEU A 318 24.63 -12.22 -27.66
CA LEU A 318 25.95 -11.60 -27.46
C LEU A 318 26.97 -12.59 -26.88
N GLY A 319 27.33 -13.62 -27.64
CA GLY A 319 28.45 -14.49 -27.29
C GLY A 319 28.25 -15.30 -26.01
N ASN A 320 29.37 -15.52 -25.30
CA ASN A 320 29.45 -16.30 -24.05
C ASN A 320 28.48 -17.48 -23.98
N HIS A 321 28.44 -18.30 -25.04
CA HIS A 321 27.49 -19.42 -25.10
C HIS A 321 27.70 -20.43 -23.98
N ASP A 322 28.95 -20.59 -23.54
CA ASP A 322 29.22 -21.55 -22.47
C ASP A 322 28.77 -21.01 -21.12
N GLN A 323 28.89 -19.69 -20.90
CA GLN A 323 28.36 -19.10 -19.68
C GLN A 323 26.84 -19.13 -19.67
N ALA A 324 26.21 -19.00 -20.85
CA ALA A 324 24.75 -19.07 -20.93
C ALA A 324 24.22 -20.46 -20.63
N MET A 325 24.94 -21.51 -21.07
CA MET A 325 24.52 -22.87 -20.76
C MET A 325 24.64 -23.16 -19.28
N HIS A 326 25.64 -22.56 -18.61
CA HIS A 326 25.78 -22.70 -17.17
C HIS A 326 24.64 -22.00 -16.44
N PHE A 327 24.32 -20.78 -16.88
CA PHE A 327 23.12 -20.11 -16.39
C PHE A 327 21.88 -20.97 -16.64
N ALA A 328 21.75 -21.50 -17.86
CA ALA A 328 20.65 -22.40 -18.17
C ALA A 328 20.65 -23.59 -17.22
N GLU A 329 21.82 -24.19 -16.99
CA GLU A 329 21.92 -25.35 -16.09
C GLU A 329 21.44 -25.00 -14.69
N LYS A 330 21.78 -23.80 -14.21
CA LYS A 330 21.27 -23.36 -12.91
C LYS A 330 19.78 -23.05 -12.98
N HIS A 331 19.32 -22.40 -14.06
CA HIS A 331 17.88 -22.19 -14.23
C HIS A 331 17.12 -23.51 -14.23
N LEU A 332 17.75 -24.59 -14.72
CA LEU A 332 17.07 -25.88 -14.76
C LEU A 332 16.81 -26.39 -13.35
N GLU A 333 17.72 -26.10 -12.43
CA GLU A 333 17.45 -26.23 -11.00
C GLU A 333 16.12 -25.53 -10.69
N ILE A 334 15.18 -26.21 -10.04
CA ILE A 334 14.08 -25.48 -9.37
C ILE A 334 13.65 -26.20 -8.10
N PRO B 13 4.57 -2.18 -9.62
CA PRO B 13 3.68 -1.12 -9.10
C PRO B 13 3.60 -1.13 -7.57
N ASP B 14 4.10 -0.06 -6.93
CA ASP B 14 4.17 0.04 -5.48
C ASP B 14 3.14 1.05 -4.99
N SER B 15 2.18 0.58 -4.20
CA SER B 15 1.00 1.38 -3.90
C SER B 15 1.28 2.29 -2.71
N GLU B 16 0.25 2.90 -2.22
CA GLU B 16 0.17 3.77 -1.08
C GLU B 16 -0.56 3.05 0.06
N PRO B 17 -0.20 3.38 1.29
CA PRO B 17 -0.83 2.70 2.43
C PRO B 17 -2.30 3.02 2.57
N ASP B 18 -2.95 2.06 3.19
CA ASP B 18 -4.37 2.27 3.54
C ASP B 18 -4.32 3.18 4.75
N VAL B 19 -5.41 3.82 5.04
CA VAL B 19 -5.47 4.82 6.12
C VAL B 19 -6.77 4.61 6.88
N ASN B 20 -6.66 4.03 8.07
CA ASN B 20 -7.83 3.71 8.88
C ASN B 20 -8.16 4.90 9.79
N GLU B 21 -9.41 4.90 10.27
CA GLU B 21 -9.92 5.90 11.18
C GLU B 21 -9.50 5.54 12.59
N VAL B 22 -9.00 6.52 13.32
CA VAL B 22 -8.60 6.32 14.70
C VAL B 22 -9.67 6.96 15.58
N ARG B 23 -10.00 6.27 16.68
CA ARG B 23 -11.11 6.65 17.54
C ARG B 23 -10.51 6.71 18.95
N ALA B 24 -9.83 7.83 19.24
CA ALA B 24 -9.00 7.99 20.43
C ALA B 24 -9.81 7.85 21.72
N LEU B 25 -9.09 7.75 22.84
CA LEU B 25 -9.66 7.22 24.08
C LEU B 25 -10.22 8.37 24.91
N PRO B 26 -11.51 8.38 25.24
CA PRO B 26 -12.11 9.60 25.81
C PRO B 26 -12.04 9.68 27.33
N GLN B 27 -11.80 10.90 27.81
CA GLN B 27 -11.99 11.26 29.22
C GLN B 27 -13.10 12.31 29.36
#